data_3FSB
#
_entry.id   3FSB
#
_cell.length_a   67.600
_cell.length_b   67.600
_cell.length_c   112.500
_cell.angle_alpha   90.00
_cell.angle_beta   90.00
_cell.angle_gamma   120.00
#
_symmetry.space_group_name_H-M   'P 3'
#
loop_
_entity.id
_entity.type
_entity.pdbx_description
1 polymer QdtC
2 non-polymer 'COENZYME A'
3 non-polymer '[(3R,4S,5S,6R)-4-amino-3,5-dihydroxy-6-methyloxan-2-yl][hydroxy-[[(2R,3S,5R)-3-hydroxy-5-(5-methyl-2,4-dioxopyrimidin-1-yl)oxolan-2-yl]methoxy]phosphoryl] hydrogen phosphate'
4 water water
#
_entity_poly.entity_id   1
_entity_poly.type   'polypeptide(L)'
_entity_poly.pdbx_seq_one_letter_code
;MPNNISKSAIIKEGVIIGENVTIEDNVYIDYGCIIRDNVHIKKGSFIGARSILGEYLVDFYNDRINKKHPLIIGENALIR
TENVIYGDTIIGDNFQTGHKVTIRENTKIGNNVKIGTLSDIQHHVYIGNYVNIHSNVFVGEKSIIKDFVWLFPHVVLTND
PTPPSNELLGVTIELFAVIAARSVVLPGIHINEDALVGAGAVVTKDVPKETVVVGNPAREICSIRKIKNKITGEQVYPWR
YTFKRGMPWEETDYDTWIKNISIENLEHHHHHH
;
_entity_poly.pdbx_strand_id   A,B
#
# COMPACT_ATOMS: atom_id res chain seq x y z
N ASN A 3 -51.65 -17.41 2.47
CA ASN A 3 -50.86 -16.48 3.29
C ASN A 3 -50.90 -16.56 4.82
N ASN A 4 -50.31 -15.56 5.46
CA ASN A 4 -50.27 -15.49 6.91
C ASN A 4 -50.21 -14.03 7.43
N ILE A 5 -51.37 -13.43 7.69
CA ILE A 5 -51.44 -12.06 8.17
C ILE A 5 -51.97 -11.98 9.61
N SER A 6 -51.20 -11.37 10.49
CA SER A 6 -51.66 -11.24 11.86
C SER A 6 -52.89 -10.38 12.12
N LYS A 7 -53.78 -10.90 12.96
CA LYS A 7 -54.99 -10.16 13.30
C LYS A 7 -54.62 -8.76 13.80
N SER A 8 -53.44 -8.57 14.40
CA SER A 8 -53.02 -7.24 14.88
C SER A 8 -52.36 -6.37 13.79
N ALA A 9 -52.15 -6.94 12.61
CA ALA A 9 -51.57 -6.08 11.58
C ALA A 9 -52.61 -5.07 11.10
N ILE A 10 -52.15 -3.90 10.68
CA ILE A 10 -53.06 -2.88 10.17
C ILE A 10 -52.76 -2.76 8.68
N ILE A 11 -53.80 -2.94 7.87
CA ILE A 11 -53.64 -2.87 6.42
C ILE A 11 -54.62 -1.83 5.89
N LYS A 12 -54.10 -0.69 5.41
CA LYS A 12 -54.94 0.39 4.90
C LYS A 12 -55.54 0.04 3.55
N GLU A 13 -56.40 0.94 3.07
CA GLU A 13 -57.06 0.79 1.79
C GLU A 13 -56.06 0.86 0.64
N GLY A 14 -56.41 0.13 -0.40
CA GLY A 14 -55.62 0.10 -1.62
C GLY A 14 -54.49 -0.91 -1.64
N VAL A 15 -54.20 -1.45 -0.45
CA VAL A 15 -53.13 -2.43 -0.42
C VAL A 15 -53.45 -3.66 -1.29
N ILE A 16 -52.48 -4.14 -2.05
CA ILE A 16 -52.69 -5.31 -2.88
C ILE A 16 -51.71 -6.35 -2.35
N ILE A 17 -52.22 -7.55 -2.13
CA ILE A 17 -51.41 -8.65 -1.64
C ILE A 17 -51.42 -9.91 -2.47
N GLY A 18 -50.23 -10.47 -2.64
CA GLY A 18 -50.07 -11.69 -3.43
C GLY A 18 -50.11 -12.94 -2.55
N GLU A 19 -49.48 -14.02 -3.02
CA GLU A 19 -49.43 -15.30 -2.29
C GLU A 19 -48.10 -15.56 -1.58
N ASN A 20 -48.14 -16.43 -0.57
CA ASN A 20 -46.93 -16.75 0.19
C ASN A 20 -46.33 -15.49 0.86
N VAL A 21 -47.23 -14.70 1.43
CA VAL A 21 -46.88 -13.45 2.10
C VAL A 21 -47.15 -13.66 3.59
N THR A 22 -46.25 -13.21 4.46
CA THR A 22 -46.48 -13.37 5.90
C THR A 22 -46.32 -11.99 6.53
N ILE A 23 -47.36 -11.54 7.21
CA ILE A 23 -47.30 -10.25 7.85
C ILE A 23 -47.51 -10.49 9.34
N GLU A 24 -46.44 -10.19 10.09
CA GLU A 24 -46.43 -10.38 11.54
C GLU A 24 -47.24 -9.38 12.35
N ASP A 25 -47.31 -9.62 13.66
CA ASP A 25 -48.04 -8.76 14.56
C ASP A 25 -47.64 -7.29 14.48
N ASN A 26 -48.62 -6.41 14.60
CA ASN A 26 -48.39 -4.96 14.60
C ASN A 26 -47.64 -4.37 13.45
N VAL A 27 -47.96 -4.89 12.29
CA VAL A 27 -47.33 -4.39 11.09
C VAL A 27 -48.43 -3.45 10.60
N TYR A 28 -47.99 -2.30 10.11
CA TYR A 28 -48.92 -1.31 9.63
C TYR A 28 -48.48 -1.16 8.19
N ILE A 29 -49.39 -1.43 7.27
CA ILE A 29 -49.09 -1.30 5.85
C ILE A 29 -49.93 -0.18 5.29
N ASP A 30 -49.26 0.92 5.01
CA ASP A 30 -49.94 2.10 4.54
C ASP A 30 -50.64 2.04 3.16
N TYR A 31 -51.47 3.05 2.89
CA TYR A 31 -52.24 3.13 1.64
C TYR A 31 -51.52 2.75 0.39
N GLY A 32 -52.23 1.94 -0.36
CA GLY A 32 -51.81 1.47 -1.65
C GLY A 32 -50.52 0.69 -1.87
N CYS A 33 -49.95 0.11 -0.81
CA CYS A 33 -48.72 -0.65 -1.03
C CYS A 33 -49.02 -1.86 -1.88
N ILE A 34 -48.02 -2.34 -2.59
CA ILE A 34 -48.25 -3.53 -3.37
C ILE A 34 -47.29 -4.54 -2.75
N ILE A 35 -47.83 -5.64 -2.25
CA ILE A 35 -46.98 -6.66 -1.67
C ILE A 35 -47.10 -7.86 -2.62
N ARG A 36 -46.06 -8.09 -3.40
CA ARG A 36 -46.08 -9.19 -4.35
C ARG A 36 -45.80 -10.47 -3.57
N ASP A 37 -45.73 -11.58 -4.31
CA ASP A 37 -45.50 -12.88 -3.70
C ASP A 37 -44.20 -13.03 -2.94
N ASN A 38 -44.19 -14.03 -2.07
CA ASN A 38 -43.01 -14.40 -1.26
C ASN A 38 -42.33 -13.27 -0.48
N VAL A 39 -43.13 -12.58 0.32
CA VAL A 39 -42.60 -11.48 1.12
C VAL A 39 -42.92 -11.78 2.57
N HIS A 40 -41.97 -11.58 3.46
CA HIS A 40 -42.22 -11.80 4.88
C HIS A 40 -41.85 -10.54 5.70
N ILE A 41 -42.85 -9.91 6.30
CA ILE A 41 -42.61 -8.72 7.09
C ILE A 41 -42.75 -9.06 8.56
N LYS A 42 -41.66 -8.80 9.27
CA LYS A 42 -41.53 -9.07 10.69
C LYS A 42 -42.24 -8.09 11.60
N LYS A 43 -42.63 -8.57 12.78
CA LYS A 43 -43.40 -7.73 13.68
C LYS A 43 -43.04 -6.26 13.93
N GLY A 44 -44.10 -5.47 14.03
CA GLY A 44 -44.01 -4.05 14.32
C GLY A 44 -43.46 -3.13 13.25
N SER A 45 -43.23 -3.67 12.07
CA SER A 45 -42.69 -2.81 11.02
C SER A 45 -43.81 -1.97 10.47
N PHE A 46 -43.39 -0.85 9.90
CA PHE A 46 -44.27 0.11 9.24
C PHE A 46 -43.81 0.16 7.77
N ILE A 47 -44.75 -0.05 6.85
CA ILE A 47 -44.46 0.03 5.42
C ILE A 47 -45.14 1.23 4.76
N GLY A 48 -44.36 2.19 4.27
CA GLY A 48 -44.87 3.41 3.67
C GLY A 48 -45.78 3.33 2.44
N ALA A 49 -46.62 4.35 2.36
CA ALA A 49 -47.57 4.39 1.28
C ALA A 49 -47.04 4.04 -0.10
N ARG A 50 -47.79 3.19 -0.79
CA ARG A 50 -47.40 2.84 -2.14
C ARG A 50 -46.06 2.18 -2.34
N SER A 51 -45.43 1.70 -1.28
CA SER A 51 -44.16 1.02 -1.53
C SER A 51 -44.59 -0.21 -2.31
N ILE A 52 -43.61 -0.92 -2.85
CA ILE A 52 -43.91 -2.15 -3.60
C ILE A 52 -42.84 -3.08 -3.13
N LEU A 53 -43.26 -4.14 -2.44
CA LEU A 53 -42.32 -5.12 -1.93
C LEU A 53 -42.46 -6.44 -2.68
N GLY A 54 -41.32 -7.09 -2.89
CA GLY A 54 -41.22 -8.36 -3.61
C GLY A 54 -41.14 -8.06 -5.11
N GLU A 55 -40.56 -6.90 -5.42
CA GLU A 55 -40.46 -6.48 -6.81
C GLU A 55 -39.87 -7.53 -7.70
N TYR A 56 -40.52 -7.68 -8.86
CA TYR A 56 -40.14 -8.64 -9.89
C TYR A 56 -38.68 -8.65 -10.33
N LEU A 57 -38.12 -9.85 -10.38
CA LEU A 57 -36.75 -10.03 -10.84
C LEU A 57 -36.86 -10.21 -12.35
N VAL A 58 -35.75 -10.13 -13.05
CA VAL A 58 -35.78 -10.23 -14.49
C VAL A 58 -36.36 -11.49 -15.10
N ASP A 59 -36.18 -12.60 -14.40
CA ASP A 59 -36.71 -13.86 -14.86
C ASP A 59 -38.23 -13.76 -15.05
N PHE A 60 -38.86 -12.91 -14.24
CA PHE A 60 -40.30 -12.74 -14.31
C PHE A 60 -40.74 -12.42 -15.71
N TYR A 61 -40.08 -11.42 -16.27
CA TYR A 61 -40.37 -10.90 -17.60
C TYR A 61 -40.28 -11.90 -18.75
N ASN A 62 -39.67 -13.04 -18.51
CA ASN A 62 -39.57 -14.02 -19.58
C ASN A 62 -40.99 -14.42 -20.04
N ASP A 63 -41.83 -14.86 -19.12
CA ASP A 63 -43.18 -15.30 -19.44
C ASP A 63 -44.20 -14.70 -18.50
N ARG A 64 -43.82 -13.62 -17.84
CA ARG A 64 -44.74 -12.99 -16.95
C ARG A 64 -45.36 -13.98 -15.94
N ILE A 65 -44.49 -14.85 -15.46
CA ILE A 65 -44.89 -15.80 -14.46
C ILE A 65 -43.87 -15.50 -13.38
N ASN A 66 -44.37 -15.17 -12.19
CA ASN A 66 -43.56 -14.84 -11.02
C ASN A 66 -42.88 -16.01 -10.32
N LYS A 67 -41.54 -16.01 -10.31
CA LYS A 67 -40.80 -17.09 -9.66
C LYS A 67 -40.59 -16.76 -8.20
N LYS A 68 -40.28 -17.78 -7.43
CA LYS A 68 -40.11 -17.56 -6.00
C LYS A 68 -38.76 -16.95 -5.70
N HIS A 69 -38.80 -15.74 -5.13
CA HIS A 69 -37.57 -15.05 -4.75
C HIS A 69 -37.95 -14.31 -3.51
N PRO A 70 -37.91 -15.03 -2.40
CA PRO A 70 -38.29 -14.45 -1.11
C PRO A 70 -37.60 -13.23 -0.57
N LEU A 71 -38.42 -12.27 -0.12
CA LEU A 71 -37.94 -11.04 0.49
C LEU A 71 -38.37 -11.10 1.94
N ILE A 72 -37.45 -10.79 2.84
CA ILE A 72 -37.68 -10.79 4.28
C ILE A 72 -37.26 -9.42 4.78
N ILE A 73 -38.01 -8.91 5.73
CA ILE A 73 -37.74 -7.61 6.33
C ILE A 73 -37.91 -7.79 7.84
N GLY A 74 -36.87 -7.45 8.59
CA GLY A 74 -36.84 -7.64 10.03
C GLY A 74 -37.81 -6.80 10.79
N GLU A 75 -37.73 -6.90 12.11
CA GLU A 75 -38.64 -6.17 12.98
C GLU A 75 -38.49 -4.68 13.14
N ASN A 76 -39.63 -4.04 13.41
CA ASN A 76 -39.71 -2.60 13.64
C ASN A 76 -39.09 -1.74 12.58
N ALA A 77 -39.30 -2.13 11.34
CA ALA A 77 -38.80 -1.35 10.23
C ALA A 77 -39.63 -0.07 10.14
N LEU A 78 -38.99 0.99 9.65
CA LEU A 78 -39.69 2.26 9.44
C LEU A 78 -39.35 2.58 7.99
N ILE A 79 -40.12 1.99 7.10
CA ILE A 79 -39.98 2.14 5.68
C ILE A 79 -40.96 3.20 5.23
N ARG A 80 -40.37 4.25 4.67
CA ARG A 80 -41.17 5.37 4.22
C ARG A 80 -41.83 5.15 2.86
N THR A 81 -42.47 6.18 2.32
CA THR A 81 -43.19 6.01 1.07
C THR A 81 -42.53 5.59 -0.20
N GLU A 82 -43.29 4.87 -1.01
CA GLU A 82 -42.83 4.44 -2.31
C GLU A 82 -41.47 3.78 -2.38
N ASN A 83 -41.13 2.93 -1.43
CA ASN A 83 -39.85 2.23 -1.54
C ASN A 83 -40.13 1.01 -2.43
N VAL A 84 -39.12 0.59 -3.18
CA VAL A 84 -39.26 -0.56 -4.07
C VAL A 84 -38.20 -1.53 -3.60
N ILE A 85 -38.63 -2.71 -3.17
CA ILE A 85 -37.68 -3.69 -2.68
C ILE A 85 -37.79 -5.05 -3.36
N TYR A 86 -36.73 -5.46 -4.05
CA TYR A 86 -36.63 -6.73 -4.79
C TYR A 86 -36.60 -8.00 -3.97
N GLY A 87 -36.83 -9.10 -4.67
CA GLY A 87 -36.85 -10.44 -4.07
C GLY A 87 -35.41 -10.82 -3.77
N ASP A 88 -35.23 -12.02 -3.24
CA ASP A 88 -33.91 -12.54 -2.89
C ASP A 88 -33.03 -11.59 -2.09
N THR A 89 -33.66 -10.82 -1.20
CA THR A 89 -32.90 -9.85 -0.42
C THR A 89 -33.34 -9.93 1.03
N ILE A 90 -32.43 -9.59 1.93
CA ILE A 90 -32.79 -9.66 3.34
C ILE A 90 -32.43 -8.41 4.09
N ILE A 91 -33.41 -7.94 4.86
CA ILE A 91 -33.14 -6.76 5.62
C ILE A 91 -33.40 -7.03 7.08
N GLY A 92 -32.45 -6.62 7.90
CA GLY A 92 -32.54 -6.84 9.34
C GLY A 92 -33.50 -5.94 10.13
N ASP A 93 -33.34 -5.94 11.44
CA ASP A 93 -34.21 -5.17 12.30
C ASP A 93 -33.95 -3.70 12.47
N ASN A 94 -35.01 -2.94 12.76
CA ASN A 94 -34.85 -1.52 12.94
C ASN A 94 -34.35 -0.77 11.71
N PHE A 95 -34.71 -1.27 10.54
CA PHE A 95 -34.31 -0.62 9.29
C PHE A 95 -35.13 0.68 9.20
N GLN A 96 -34.57 1.67 8.52
CA GLN A 96 -35.32 2.90 8.38
C GLN A 96 -35.06 3.52 7.02
N THR A 97 -36.02 4.07 6.32
CA THR A 97 -35.69 4.62 5.03
C THR A 97 -36.33 5.95 4.81
N GLY A 98 -35.96 6.61 3.71
CA GLY A 98 -36.51 7.90 3.32
C GLY A 98 -37.48 7.55 2.20
N HIS A 99 -37.87 8.54 1.41
CA HIS A 99 -38.84 8.35 0.36
C HIS A 99 -38.22 7.88 -0.91
N LYS A 100 -38.98 7.05 -1.63
CA LYS A 100 -38.56 6.60 -2.94
C LYS A 100 -37.18 5.99 -3.08
N VAL A 101 -36.95 5.08 -2.15
CA VAL A 101 -35.72 4.35 -2.19
C VAL A 101 -35.94 3.05 -3.00
N THR A 102 -34.89 2.60 -3.68
CA THR A 102 -34.95 1.36 -4.46
C THR A 102 -33.89 0.39 -3.95
N ILE A 103 -34.25 -0.86 -3.71
CA ILE A 103 -33.27 -1.86 -3.25
C ILE A 103 -33.38 -3.13 -4.12
N ARG A 104 -32.31 -3.51 -4.82
CA ARG A 104 -32.31 -4.67 -5.71
C ARG A 104 -32.17 -6.04 -5.06
N GLU A 105 -32.16 -7.07 -5.91
CA GLU A 105 -32.12 -8.44 -5.45
C GLU A 105 -30.76 -8.92 -4.98
N ASN A 106 -30.74 -10.01 -4.22
CA ASN A 106 -29.50 -10.60 -3.76
C ASN A 106 -28.63 -9.67 -2.93
N THR A 107 -29.33 -8.83 -2.16
CA THR A 107 -28.67 -7.88 -1.31
C THR A 107 -28.90 -8.14 0.18
N LYS A 108 -27.89 -7.82 0.98
CA LYS A 108 -28.05 -8.01 2.40
C LYS A 108 -27.73 -6.75 3.19
N ILE A 109 -28.71 -6.38 4.01
CA ILE A 109 -28.68 -5.20 4.84
C ILE A 109 -28.81 -5.64 6.28
N GLY A 110 -27.91 -5.16 7.12
CA GLY A 110 -27.90 -5.52 8.53
C GLY A 110 -28.98 -4.84 9.34
N ASN A 111 -28.64 -4.63 10.60
CA ASN A 111 -29.57 -4.01 11.52
C ASN A 111 -29.21 -2.62 11.85
N ASN A 112 -30.26 -1.87 12.14
CA ASN A 112 -30.05 -0.50 12.55
C ASN A 112 -29.41 0.29 11.47
N VAL A 113 -29.85 -0.09 10.27
CA VAL A 113 -29.37 0.59 9.09
C VAL A 113 -30.37 1.61 8.62
N LYS A 114 -29.88 2.71 8.04
CA LYS A 114 -30.71 3.75 7.49
C LYS A 114 -30.32 4.10 6.08
N ILE A 115 -31.33 4.22 5.22
CA ILE A 115 -31.08 4.58 3.84
C ILE A 115 -32.01 5.71 3.42
N GLY A 116 -31.42 6.86 3.21
CA GLY A 116 -32.21 8.02 2.87
C GLY A 116 -32.89 8.11 1.51
N THR A 117 -33.69 9.16 1.40
CA THR A 117 -34.49 9.49 0.21
C THR A 117 -33.75 9.37 -1.13
N LEU A 118 -34.37 8.67 -2.07
CA LEU A 118 -33.87 8.46 -3.44
C LEU A 118 -32.69 7.49 -3.57
N SER A 119 -32.16 7.04 -2.47
CA SER A 119 -31.04 6.11 -2.54
C SER A 119 -31.32 4.85 -3.38
N ASP A 120 -30.30 4.39 -4.10
CA ASP A 120 -30.46 3.26 -4.98
C ASP A 120 -29.38 2.25 -4.71
N ILE A 121 -29.84 1.15 -4.15
CA ILE A 121 -28.99 0.01 -3.81
C ILE A 121 -29.19 -1.06 -4.89
N GLN A 122 -28.08 -1.37 -5.51
CA GLN A 122 -28.10 -2.34 -6.57
C GLN A 122 -28.13 -3.80 -6.09
N HIS A 123 -28.05 -4.77 -6.99
CA HIS A 123 -28.08 -6.18 -6.57
C HIS A 123 -26.76 -6.66 -6.00
N HIS A 124 -26.83 -7.77 -5.29
CA HIS A 124 -25.59 -8.26 -4.76
C HIS A 124 -24.78 -7.18 -4.07
N VAL A 125 -25.39 -6.55 -3.08
CA VAL A 125 -24.68 -5.56 -2.28
C VAL A 125 -24.77 -6.08 -0.85
N TYR A 126 -23.76 -5.74 -0.06
CA TYR A 126 -23.74 -6.12 1.34
C TYR A 126 -23.62 -4.85 2.16
N ILE A 127 -24.55 -4.71 3.09
CA ILE A 127 -24.49 -3.54 3.96
C ILE A 127 -24.61 -4.13 5.38
N GLY A 128 -23.69 -3.73 6.23
CA GLY A 128 -23.68 -4.16 7.62
C GLY A 128 -24.65 -3.42 8.56
N ASN A 129 -24.30 -3.41 9.84
CA ASN A 129 -25.18 -2.78 10.84
C ASN A 129 -24.77 -1.37 11.21
N TYR A 130 -25.78 -0.62 11.61
CA TYR A 130 -25.60 0.75 12.01
C TYR A 130 -24.95 1.53 10.90
N VAL A 131 -25.40 1.21 9.69
CA VAL A 131 -24.85 1.90 8.54
C VAL A 131 -25.80 3.05 8.20
N ASN A 132 -25.22 4.20 7.88
CA ASN A 132 -26.01 5.37 7.50
C ASN A 132 -25.79 5.81 6.06
N ILE A 133 -26.80 5.61 5.23
CA ILE A 133 -26.72 6.07 3.86
C ILE A 133 -27.79 7.17 3.69
N HIS A 134 -27.34 8.38 3.38
CA HIS A 134 -28.19 9.57 3.21
C HIS A 134 -28.94 9.69 1.88
N SER A 135 -29.31 10.89 1.46
CA SER A 135 -30.06 11.05 0.23
C SER A 135 -29.31 10.77 -1.07
N ASN A 136 -29.99 10.10 -1.96
CA ASN A 136 -29.56 9.83 -3.34
C ASN A 136 -28.14 9.27 -3.47
N VAL A 137 -27.87 8.22 -2.70
CA VAL A 137 -26.55 7.65 -2.80
C VAL A 137 -26.70 6.50 -3.77
N PHE A 138 -25.68 6.29 -4.61
CA PHE A 138 -25.74 5.16 -5.54
C PHE A 138 -24.85 4.03 -5.08
N VAL A 139 -25.41 2.85 -4.86
CA VAL A 139 -24.56 1.73 -4.40
C VAL A 139 -24.56 0.65 -5.45
N GLY A 140 -23.46 0.56 -6.20
CA GLY A 140 -23.44 -0.43 -7.26
C GLY A 140 -23.25 -1.90 -6.83
N GLU A 141 -23.66 -2.81 -7.70
CA GLU A 141 -23.48 -4.23 -7.36
C GLU A 141 -22.02 -4.49 -6.94
N LYS A 142 -21.87 -5.49 -6.06
CA LYS A 142 -20.59 -5.92 -5.48
C LYS A 142 -19.97 -4.99 -4.46
N SER A 143 -20.66 -3.93 -4.05
CA SER A 143 -20.07 -3.06 -3.04
C SER A 143 -20.18 -3.78 -1.67
N ILE A 144 -19.20 -3.52 -0.80
CA ILE A 144 -19.17 -4.05 0.56
C ILE A 144 -19.08 -2.88 1.52
N ILE A 145 -20.10 -2.73 2.37
CA ILE A 145 -20.10 -1.60 3.28
C ILE A 145 -20.18 -2.19 4.67
N LYS A 146 -19.08 -2.06 5.42
CA LYS A 146 -19.04 -2.62 6.77
C LYS A 146 -19.78 -1.79 7.82
N ASP A 147 -19.77 -2.25 9.06
CA ASP A 147 -20.50 -1.52 10.09
C ASP A 147 -20.10 -0.08 10.35
N PHE A 148 -21.10 0.73 10.72
CA PHE A 148 -20.83 2.11 11.08
C PHE A 148 -20.29 3.01 10.02
N VAL A 149 -20.53 2.61 8.78
CA VAL A 149 -20.05 3.42 7.67
C VAL A 149 -21.12 4.48 7.43
N TRP A 150 -20.69 5.68 6.99
CA TRP A 150 -21.63 6.74 6.66
C TRP A 150 -21.40 7.14 5.21
N LEU A 151 -22.44 7.12 4.39
CA LEU A 151 -22.31 7.56 3.00
C LEU A 151 -23.26 8.77 2.89
N PHE A 152 -22.69 9.96 2.71
CA PHE A 152 -23.46 11.19 2.62
C PHE A 152 -24.15 11.45 1.27
N PRO A 153 -25.05 12.44 1.19
CA PRO A 153 -25.78 12.62 -0.03
C PRO A 153 -25.00 12.56 -1.34
N HIS A 154 -25.65 12.01 -2.37
CA HIS A 154 -25.09 11.92 -3.72
C HIS A 154 -23.73 11.20 -3.86
N VAL A 155 -23.39 10.30 -2.94
CA VAL A 155 -22.11 9.59 -3.07
C VAL A 155 -22.36 8.48 -4.08
N VAL A 156 -21.36 8.08 -4.85
CA VAL A 156 -21.57 7.04 -5.86
C VAL A 156 -20.43 5.99 -5.76
N LEU A 157 -20.76 4.71 -5.63
CA LEU A 157 -19.74 3.66 -5.57
C LEU A 157 -19.92 2.83 -6.84
N THR A 158 -18.84 2.79 -7.62
CA THR A 158 -18.85 2.15 -8.93
C THR A 158 -18.24 0.78 -8.89
N ASN A 159 -18.20 0.10 -10.05
CA ASN A 159 -17.67 -1.26 -10.11
C ASN A 159 -17.04 -1.78 -11.40
N ASP A 160 -17.21 -1.02 -12.48
CA ASP A 160 -16.62 -1.41 -13.79
C ASP A 160 -15.36 -0.57 -14.07
N PRO A 161 -14.18 -1.13 -13.90
CA PRO A 161 -12.96 -0.37 -14.06
C PRO A 161 -12.53 0.17 -15.42
N THR A 162 -13.10 -0.37 -16.49
CA THR A 162 -12.76 0.11 -17.82
C THR A 162 -14.06 -0.17 -18.58
N PRO A 163 -15.08 0.62 -18.29
CA PRO A 163 -16.42 0.45 -18.85
C PRO A 163 -16.61 0.63 -20.35
N PRO A 164 -17.45 -0.18 -21.00
CA PRO A 164 -18.17 -1.26 -20.35
C PRO A 164 -17.32 -2.51 -20.46
N SER A 165 -17.27 -3.31 -19.38
CA SER A 165 -16.50 -4.56 -19.39
C SER A 165 -17.19 -5.68 -18.65
N ASN A 166 -16.63 -6.88 -18.81
CA ASN A 166 -17.23 -8.05 -18.20
C ASN A 166 -16.88 -8.45 -16.77
N GLU A 167 -15.77 -7.92 -16.25
CA GLU A 167 -15.33 -8.28 -14.92
C GLU A 167 -15.45 -7.09 -13.99
N LEU A 168 -16.48 -7.08 -13.14
CA LEU A 168 -16.61 -5.94 -12.24
C LEU A 168 -15.85 -6.12 -10.92
N LEU A 169 -15.50 -5.03 -10.26
CA LEU A 169 -14.78 -5.06 -8.99
C LEU A 169 -15.51 -4.11 -8.03
N GLY A 170 -16.04 -4.68 -6.95
CA GLY A 170 -16.78 -3.96 -5.94
C GLY A 170 -15.87 -3.13 -5.04
N VAL A 171 -16.42 -2.01 -4.60
CA VAL A 171 -15.66 -1.18 -3.67
C VAL A 171 -15.91 -1.74 -2.25
N THR A 172 -14.92 -1.69 -1.36
CA THR A 172 -15.13 -2.22 -0.01
C THR A 172 -14.81 -1.09 0.93
N ILE A 173 -15.76 -0.80 1.81
CA ILE A 173 -15.56 0.27 2.74
C ILE A 173 -15.54 -0.35 4.13
N GLU A 174 -14.45 -0.06 4.83
CA GLU A 174 -14.23 -0.61 6.15
C GLU A 174 -14.91 0.10 7.29
N LEU A 175 -14.94 -0.55 8.44
CA LEU A 175 -15.57 -0.07 9.66
C LEU A 175 -15.42 1.41 9.95
N PHE A 176 -16.53 2.08 10.25
CA PHE A 176 -16.53 3.50 10.61
C PHE A 176 -16.10 4.48 9.54
N ALA A 177 -15.75 4.02 8.36
CA ALA A 177 -15.35 5.06 7.43
C ALA A 177 -16.47 6.03 7.06
N VAL A 178 -16.05 7.23 6.68
CA VAL A 178 -17.04 8.24 6.30
C VAL A 178 -16.76 8.73 4.86
N ILE A 179 -17.77 8.70 3.99
CA ILE A 179 -17.56 9.24 2.63
C ILE A 179 -18.41 10.51 2.58
N ALA A 180 -17.83 11.70 2.50
CA ALA A 180 -18.64 12.92 2.44
C ALA A 180 -19.44 13.08 1.15
N ALA A 181 -20.37 14.03 1.15
CA ALA A 181 -21.24 14.28 0.02
C ALA A 181 -20.65 14.43 -1.39
N ARG A 182 -21.34 13.92 -2.42
CA ARG A 182 -20.98 14.05 -3.83
C ARG A 182 -19.61 13.43 -4.20
N SER A 183 -19.23 12.38 -3.48
CA SER A 183 -17.96 11.76 -3.79
C SER A 183 -18.23 10.53 -4.62
N VAL A 184 -17.25 10.19 -5.47
CA VAL A 184 -17.42 8.99 -6.26
C VAL A 184 -16.20 8.10 -5.99
N VAL A 185 -16.41 6.81 -5.75
CA VAL A 185 -15.25 5.91 -5.55
C VAL A 185 -15.13 4.97 -6.75
N LEU A 186 -13.94 4.91 -7.34
CA LEU A 186 -13.70 4.06 -8.49
C LEU A 186 -13.71 2.58 -8.13
N PRO A 187 -13.85 1.73 -9.15
CA PRO A 187 -13.91 0.30 -8.92
C PRO A 187 -12.78 -0.40 -8.21
N GLY A 188 -13.20 -1.32 -7.35
CA GLY A 188 -12.36 -2.19 -6.57
C GLY A 188 -11.61 -1.48 -5.49
N ILE A 189 -11.82 -0.18 -5.33
CA ILE A 189 -11.07 0.54 -4.30
C ILE A 189 -11.38 0.10 -2.88
N HIS A 190 -10.36 0.21 -2.03
CA HIS A 190 -10.52 -0.12 -0.64
CA HIS A 190 -10.51 -0.15 -0.65
C HIS A 190 -10.37 1.09 0.24
N ILE A 191 -11.45 1.36 0.96
CA ILE A 191 -11.47 2.51 1.85
C ILE A 191 -11.36 1.95 3.25
N ASN A 192 -10.22 2.23 3.84
CA ASN A 192 -9.95 1.70 5.16
C ASN A 192 -10.68 2.24 6.38
N GLU A 193 -10.59 1.50 7.48
CA GLU A 193 -11.25 1.92 8.71
C GLU A 193 -10.98 3.32 9.21
N ASP A 194 -12.07 3.90 9.71
CA ASP A 194 -12.01 5.23 10.29
C ASP A 194 -11.39 6.16 9.27
N ALA A 195 -11.62 5.93 7.97
CA ALA A 195 -10.99 6.88 7.05
C ALA A 195 -12.00 7.98 6.69
N LEU A 196 -11.54 9.08 6.12
CA LEU A 196 -12.49 10.15 5.77
C LEU A 196 -12.27 10.63 4.36
N VAL A 197 -13.30 10.54 3.54
CA VAL A 197 -13.19 10.99 2.15
C VAL A 197 -13.94 12.30 2.16
N GLY A 198 -13.21 13.37 1.81
CA GLY A 198 -13.79 14.70 1.81
C GLY A 198 -14.82 14.90 0.69
N ALA A 199 -15.75 15.79 0.97
CA ALA A 199 -16.79 16.09 0.01
C ALA A 199 -16.28 16.35 -1.38
N GLY A 200 -17.04 15.75 -2.30
CA GLY A 200 -16.88 15.90 -3.75
C GLY A 200 -15.73 15.19 -4.33
N ALA A 201 -15.00 14.47 -3.51
CA ALA A 201 -13.84 13.79 -4.07
C ALA A 201 -14.01 12.72 -5.13
N VAL A 202 -12.93 12.50 -5.86
CA VAL A 202 -12.91 11.44 -6.86
C VAL A 202 -11.86 10.46 -6.32
N VAL A 203 -12.29 9.40 -5.64
CA VAL A 203 -11.37 8.44 -5.07
C VAL A 203 -10.87 7.38 -6.05
N THR A 204 -9.61 7.52 -6.45
CA THR A 204 -8.97 6.63 -7.41
C THR A 204 -7.95 5.61 -6.91
N LYS A 205 -7.61 5.59 -5.62
CA LYS A 205 -6.61 4.68 -5.06
C LYS A 205 -7.11 4.29 -3.69
N ASP A 206 -6.65 3.20 -3.10
CA ASP A 206 -7.13 2.82 -1.79
C ASP A 206 -6.88 3.90 -0.80
N VAL A 207 -7.68 3.96 0.24
CA VAL A 207 -7.47 4.98 1.26
C VAL A 207 -7.12 4.20 2.52
N PRO A 208 -5.96 4.53 3.10
CA PRO A 208 -5.47 3.89 4.33
C PRO A 208 -6.31 4.34 5.52
N LYS A 209 -6.22 3.56 6.58
CA LYS A 209 -6.93 3.78 7.82
C LYS A 209 -6.60 5.12 8.41
N GLU A 210 -7.63 5.75 8.96
CA GLU A 210 -7.53 7.05 9.61
C GLU A 210 -6.86 8.12 8.77
N THR A 211 -7.06 8.08 7.47
CA THR A 211 -6.44 9.12 6.68
C THR A 211 -7.53 9.94 5.99
N VAL A 212 -7.27 11.22 5.77
CA VAL A 212 -8.21 12.10 5.05
C VAL A 212 -7.68 12.36 3.63
N VAL A 213 -8.56 12.13 2.66
CA VAL A 213 -8.25 12.38 1.28
C VAL A 213 -9.28 13.42 0.79
N VAL A 214 -8.88 14.23 -0.18
CA VAL A 214 -9.78 15.23 -0.76
C VAL A 214 -9.35 15.55 -2.19
N GLY A 215 -10.28 16.01 -3.01
CA GLY A 215 -10.03 16.37 -4.38
C GLY A 215 -10.32 15.40 -5.51
N ASN A 216 -9.93 15.84 -6.70
CA ASN A 216 -10.10 15.09 -7.93
C ASN A 216 -8.78 15.23 -8.70
N PRO A 217 -7.94 14.19 -8.71
CA PRO A 217 -8.15 12.91 -8.01
C PRO A 217 -7.92 13.15 -6.52
N ALA A 218 -8.50 12.31 -5.69
CA ALA A 218 -8.35 12.54 -4.26
C ALA A 218 -6.94 12.27 -3.81
N ARG A 219 -6.46 13.12 -2.94
CA ARG A 219 -5.08 13.08 -2.45
C ARG A 219 -5.12 13.12 -0.92
N GLU A 220 -4.20 12.39 -0.30
CA GLU A 220 -4.10 12.37 1.15
C GLU A 220 -3.64 13.68 1.74
N ILE A 221 -4.31 14.13 2.79
CA ILE A 221 -3.89 15.43 3.27
C ILE A 221 -3.44 15.35 4.69
N CYS A 222 -4.02 14.38 5.40
CA CYS A 222 -3.63 14.21 6.78
C CYS A 222 -4.44 13.09 7.41
N SER A 223 -4.05 12.78 8.65
CA SER A 223 -4.70 11.79 9.50
C SER A 223 -5.98 12.45 10.00
N ILE A 224 -7.07 11.68 10.15
CA ILE A 224 -8.32 12.25 10.67
C ILE A 224 -8.19 12.87 12.08
N ARG A 225 -7.19 12.44 12.84
CA ARG A 225 -6.96 12.94 14.21
C ARG A 225 -6.53 14.41 14.20
N LYS A 226 -6.16 14.88 13.02
CA LYS A 226 -5.74 16.28 12.93
C LYS A 226 -6.99 17.18 13.01
N ILE A 227 -8.14 16.61 12.65
CA ILE A 227 -9.37 17.41 12.60
C ILE A 227 -9.98 17.92 13.89
N LYS A 228 -10.21 19.23 13.92
CA LYS A 228 -10.79 19.89 15.10
C LYS A 228 -12.21 20.33 14.81
N ASN A 229 -13.10 20.16 15.79
CA ASN A 229 -14.46 20.56 15.53
C ASN A 229 -14.46 22.04 15.21
N LYS A 230 -15.12 22.41 14.12
CA LYS A 230 -15.18 23.81 13.68
C LYS A 230 -15.90 24.79 14.62
N ILE A 231 -16.70 24.26 15.53
CA ILE A 231 -17.42 25.10 16.46
C ILE A 231 -16.80 25.02 17.85
N THR A 232 -16.40 23.83 18.27
CA THR A 232 -15.82 23.68 19.59
C THR A 232 -14.29 23.55 19.65
N GLY A 233 -13.62 23.28 18.53
CA GLY A 233 -12.16 23.18 18.48
C GLY A 233 -11.60 21.90 19.04
N GLU A 234 -12.49 20.97 19.37
CA GLU A 234 -12.06 19.70 19.91
C GLU A 234 -11.77 18.74 18.77
N GLN A 235 -10.93 17.74 19.00
CA GLN A 235 -10.59 16.71 18.00
C GLN A 235 -11.84 15.86 17.79
N VAL A 236 -12.21 15.71 16.52
CA VAL A 236 -13.43 15.01 16.14
C VAL A 236 -13.36 13.50 16.00
N TYR A 237 -12.29 12.98 15.37
CA TYR A 237 -12.15 11.55 15.12
C TYR A 237 -11.03 10.84 15.89
N PRO A 238 -11.16 9.53 16.07
CA PRO A 238 -12.30 8.73 15.60
C PRO A 238 -13.63 9.26 16.13
N TRP A 239 -14.61 9.36 15.23
CA TRP A 239 -15.94 9.88 15.55
C TRP A 239 -16.70 9.11 16.60
N ARG A 240 -16.43 7.82 16.72
CA ARG A 240 -17.17 7.05 17.71
C ARG A 240 -17.04 7.65 19.09
N TYR A 241 -15.91 8.33 19.30
CA TYR A 241 -15.68 8.96 20.59
C TYR A 241 -16.30 10.31 20.78
N THR A 242 -16.75 10.94 19.70
CA THR A 242 -17.34 12.27 19.80
C THR A 242 -18.78 12.35 19.31
N PHE A 243 -19.30 11.26 18.77
CA PHE A 243 -20.69 11.29 18.27
C PHE A 243 -21.33 9.96 18.55
N LYS A 244 -22.51 9.98 19.16
CA LYS A 244 -23.19 8.73 19.49
C LYS A 244 -24.71 8.73 19.30
N ARG A 245 -25.24 9.73 18.60
CA ARG A 245 -26.67 9.77 18.36
C ARG A 245 -27.01 8.60 17.45
N GLY A 246 -27.96 7.78 17.89
CA GLY A 246 -28.40 6.60 17.15
C GLY A 246 -27.44 5.41 17.14
N MET A 247 -26.41 5.49 17.97
CA MET A 247 -25.38 4.46 18.06
C MET A 247 -25.68 3.51 19.22
N PRO A 248 -25.09 2.32 19.21
CA PRO A 248 -25.37 1.37 20.29
C PRO A 248 -24.74 1.87 21.59
N TRP A 249 -23.92 2.90 21.53
CA TRP A 249 -23.35 3.34 22.81
C TRP A 249 -24.01 4.63 23.31
N GLU A 250 -25.07 5.05 22.64
CA GLU A 250 -25.76 6.26 23.03
C GLU A 250 -25.97 6.37 24.53
N GLU A 251 -26.32 5.26 25.17
CA GLU A 251 -26.57 5.31 26.61
C GLU A 251 -25.35 5.17 27.50
N THR A 252 -24.19 5.13 26.88
CA THR A 252 -22.95 4.98 27.64
C THR A 252 -21.81 5.69 26.94
N ASP A 253 -20.73 4.94 26.74
CA ASP A 253 -19.53 5.44 26.09
C ASP A 253 -18.99 4.29 25.24
N TYR A 254 -18.35 4.62 24.13
CA TYR A 254 -17.84 3.60 23.22
C TYR A 254 -16.98 2.54 23.87
N ASP A 255 -15.99 3.00 24.63
CA ASP A 255 -15.06 2.11 25.33
C ASP A 255 -15.78 1.06 26.19
N THR A 256 -16.57 1.52 27.15
CA THR A 256 -17.32 0.64 28.03
C THR A 256 -18.17 -0.34 27.20
N TRP A 257 -18.82 0.19 26.16
CA TRP A 257 -19.68 -0.58 25.27
C TRP A 257 -18.96 -1.66 24.46
N ILE A 258 -17.80 -1.31 23.94
CA ILE A 258 -17.07 -2.26 23.14
C ILE A 258 -16.34 -3.25 24.05
N LYS A 259 -16.22 -2.92 25.33
CA LYS A 259 -15.53 -3.83 26.24
C LYS A 259 -16.52 -4.94 26.52
N ASN A 260 -17.79 -4.56 26.48
CA ASN A 260 -18.86 -5.52 26.72
C ASN A 260 -19.14 -6.39 25.49
N ILE A 261 -19.17 -5.76 24.34
CA ILE A 261 -19.52 -6.41 23.09
C ILE A 261 -18.52 -7.47 22.70
N SER A 262 -17.28 -7.12 22.78
CA SER A 262 -16.21 -8.04 22.48
C SER A 262 -16.13 -9.15 23.48
N ASN B 3 -0.97 -1.78 -7.03
CA ASN B 3 0.06 -2.82 -6.90
C ASN B 3 -0.11 -4.03 -7.80
N ASN B 4 1.02 -4.68 -8.05
CA ASN B 4 1.08 -5.86 -8.89
C ASN B 4 2.02 -6.82 -8.19
N ILE B 5 1.48 -7.87 -7.59
CA ILE B 5 2.29 -8.84 -6.89
C ILE B 5 2.19 -10.20 -7.59
N SER B 6 3.27 -10.67 -8.19
CA SER B 6 3.26 -11.93 -8.89
C SER B 6 2.63 -13.06 -8.11
N LYS B 7 1.89 -13.95 -8.77
CA LYS B 7 1.24 -15.10 -8.15
C LYS B 7 2.30 -16.12 -7.66
N SER B 8 3.55 -16.00 -8.10
CA SER B 8 4.63 -16.92 -7.71
C SER B 8 5.51 -16.31 -6.61
N ALA B 9 5.27 -15.06 -6.25
CA ALA B 9 6.08 -14.47 -5.19
C ALA B 9 5.77 -15.12 -3.82
N ILE B 10 6.76 -15.19 -2.91
CA ILE B 10 6.54 -15.81 -1.59
C ILE B 10 6.73 -14.65 -0.62
N ILE B 11 5.67 -14.32 0.11
CA ILE B 11 5.63 -13.18 1.03
C ILE B 11 5.37 -13.80 2.38
N LYS B 12 6.37 -13.69 3.24
CA LYS B 12 6.22 -14.28 4.55
C LYS B 12 5.39 -13.40 5.48
N GLU B 13 5.14 -14.00 6.64
CA GLU B 13 4.39 -13.38 7.72
C GLU B 13 5.05 -12.08 8.13
N GLY B 14 4.18 -11.15 8.52
CA GLY B 14 4.67 -9.89 9.04
C GLY B 14 5.05 -8.80 8.05
N VAL B 15 5.11 -9.14 6.75
CA VAL B 15 5.46 -8.19 5.72
C VAL B 15 4.36 -7.18 5.51
N ILE B 16 4.77 -5.91 5.52
CA ILE B 16 3.83 -4.82 5.33
C ILE B 16 4.12 -4.28 3.94
N ILE B 17 3.10 -4.11 3.14
CA ILE B 17 3.36 -3.59 1.80
C ILE B 17 2.52 -2.34 1.51
N GLY B 18 3.18 -1.30 1.01
CA GLY B 18 2.59 -0.02 0.70
C GLY B 18 1.80 -0.01 -0.63
N GLU B 19 1.70 1.17 -1.24
CA GLU B 19 0.96 1.29 -2.48
C GLU B 19 1.97 1.49 -3.62
N ASN B 20 1.55 1.14 -4.84
CA ASN B 20 2.41 1.31 -5.99
C ASN B 20 3.66 0.48 -5.87
N VAL B 21 3.46 -0.74 -5.42
CA VAL B 21 4.55 -1.68 -5.24
C VAL B 21 4.35 -2.77 -6.29
N THR B 22 5.46 -3.14 -6.89
CA THR B 22 5.48 -4.19 -7.91
C THR B 22 6.47 -5.23 -7.43
N ILE B 23 6.02 -6.48 -7.42
CA ILE B 23 6.86 -7.59 -6.99
C ILE B 23 6.78 -8.67 -8.06
N GLU B 24 7.87 -8.84 -8.81
CA GLU B 24 7.92 -9.81 -9.89
C GLU B 24 7.96 -11.27 -9.49
N ASP B 25 7.98 -12.09 -10.54
CA ASP B 25 7.98 -13.52 -10.39
C ASP B 25 9.07 -14.10 -9.51
N ASN B 26 8.68 -15.10 -8.72
CA ASN B 26 9.66 -15.78 -7.89
C ASN B 26 10.49 -14.93 -6.95
N VAL B 27 9.87 -13.93 -6.38
CA VAL B 27 10.59 -13.07 -5.46
C VAL B 27 10.18 -13.66 -4.11
N TYR B 28 11.14 -13.69 -3.19
CA TYR B 28 10.89 -14.21 -1.87
C TYR B 28 11.06 -13.04 -0.89
N ILE B 29 10.02 -12.65 -0.18
CA ILE B 29 10.14 -11.59 0.81
C ILE B 29 10.14 -12.20 2.20
N ASP B 30 11.28 -12.22 2.90
CA ASP B 30 11.27 -12.84 4.22
C ASP B 30 10.49 -12.12 5.33
N TYR B 31 10.29 -12.77 6.47
CA TYR B 31 9.52 -12.19 7.55
C TYR B 31 9.71 -10.73 7.91
N GLY B 32 8.60 -10.06 8.23
CA GLY B 32 8.65 -8.69 8.73
C GLY B 32 9.18 -7.57 7.84
N CYS B 33 9.46 -7.85 6.59
CA CYS B 33 9.94 -6.74 5.77
C CYS B 33 8.89 -5.66 5.69
N ILE B 34 9.36 -4.43 5.53
CA ILE B 34 8.44 -3.32 5.35
C ILE B 34 8.70 -2.81 3.90
N ILE B 35 7.70 -2.97 3.02
CA ILE B 35 7.87 -2.50 1.68
C ILE B 35 7.02 -1.24 1.58
N ARG B 36 7.72 -0.10 1.65
CA ARG B 36 7.07 1.22 1.57
C ARG B 36 6.50 1.53 0.16
N ASP B 37 5.87 2.70 0.03
CA ASP B 37 5.29 3.03 -1.27
C ASP B 37 6.32 3.10 -2.36
N ASN B 38 5.88 2.90 -3.60
CA ASN B 38 6.72 2.99 -4.81
C ASN B 38 8.01 2.19 -4.87
N VAL B 39 7.90 0.89 -4.80
CA VAL B 39 9.09 0.06 -4.82
C VAL B 39 8.77 -1.03 -5.84
N HIS B 40 9.76 -1.34 -6.67
CA HIS B 40 9.58 -2.35 -7.68
C HIS B 40 10.73 -3.35 -7.48
N ILE B 41 10.39 -4.58 -7.09
CA ILE B 41 11.43 -5.60 -6.93
C ILE B 41 11.34 -6.55 -8.13
N LYS B 42 12.41 -6.65 -8.91
CA LYS B 42 12.38 -7.51 -10.11
C LYS B 42 12.55 -8.96 -9.75
N LYS B 43 12.23 -9.80 -10.71
CA LYS B 43 12.23 -11.24 -10.54
C LYS B 43 13.43 -11.99 -10.03
N GLY B 44 13.12 -13.01 -9.24
CA GLY B 44 14.16 -13.88 -8.68
C GLY B 44 14.83 -13.40 -7.41
N SER B 45 14.47 -12.17 -7.04
CA SER B 45 15.07 -11.58 -5.85
C SER B 45 14.66 -12.13 -4.50
N PHE B 46 15.61 -12.14 -3.57
CA PHE B 46 15.32 -12.58 -2.19
C PHE B 46 15.46 -11.33 -1.29
N ILE B 47 14.51 -10.98 -0.40
CA ILE B 47 14.73 -9.76 0.42
C ILE B 47 14.73 -10.24 1.88
N GLY B 48 15.87 -10.06 2.53
CA GLY B 48 16.09 -10.48 3.90
C GLY B 48 15.18 -9.98 5.00
N ALA B 49 14.94 -10.86 5.95
CA ALA B 49 14.06 -10.55 7.06
C ALA B 49 14.21 -9.14 7.63
N ARG B 50 13.05 -8.51 7.82
CA ARG B 50 12.90 -7.17 8.38
C ARG B 50 13.59 -6.00 7.70
N SER B 51 13.88 -6.16 6.42
CA SER B 51 14.50 -5.07 5.66
C SER B 51 13.38 -4.04 5.47
N ILE B 52 13.74 -2.82 5.06
CA ILE B 52 12.77 -1.73 4.88
C ILE B 52 13.11 -1.14 3.53
N LEU B 53 12.17 -1.29 2.59
CA LEU B 53 12.46 -0.79 1.24
C LEU B 53 11.63 0.38 0.88
N GLY B 54 12.27 1.34 0.22
CA GLY B 54 11.60 2.59 -0.19
C GLY B 54 11.55 3.44 1.08
N GLU B 55 12.65 3.41 1.82
CA GLU B 55 12.72 4.16 3.09
C GLU B 55 12.46 5.65 2.88
N TYR B 56 11.74 6.26 3.80
CA TYR B 56 11.40 7.67 3.70
C TYR B 56 12.50 8.71 3.38
N LEU B 57 12.24 9.54 2.36
CA LEU B 57 13.20 10.60 2.05
C LEU B 57 12.83 11.75 3.01
N VAL B 58 13.71 12.73 3.17
CA VAL B 58 13.45 13.78 4.12
C VAL B 58 12.18 14.57 3.96
N ASP B 59 11.74 14.77 2.73
CA ASP B 59 10.52 15.53 2.48
C ASP B 59 9.31 14.88 3.11
N PHE B 60 9.35 13.59 3.48
CA PHE B 60 8.15 12.99 4.10
C PHE B 60 7.82 13.64 5.46
N TYR B 61 8.89 13.99 6.17
CA TYR B 61 8.78 14.55 7.49
C TYR B 61 8.16 15.91 7.68
N ASN B 62 8.11 16.70 6.61
CA ASN B 62 7.45 18.01 6.73
C ASN B 62 5.98 17.82 7.18
N ASP B 63 5.25 16.94 6.53
CA ASP B 63 3.86 16.75 6.91
C ASP B 63 3.44 15.31 7.06
N ARG B 64 4.41 14.39 7.07
CA ARG B 64 4.14 12.93 7.16
C ARG B 64 3.24 12.38 6.07
N ILE B 65 3.47 12.87 4.85
CA ILE B 65 2.76 12.43 3.68
C ILE B 65 4.01 12.05 2.83
N ASN B 66 4.11 10.78 2.49
CA ASN B 66 5.19 10.27 1.69
C ASN B 66 5.12 10.76 0.23
N LYS B 67 6.18 11.35 -0.32
CA LYS B 67 6.10 11.78 -1.72
C LYS B 67 6.64 10.66 -2.56
N LYS B 68 6.41 10.73 -3.86
CA LYS B 68 6.82 9.66 -4.77
C LYS B 68 8.30 9.55 -5.10
N HIS B 69 8.98 8.50 -4.63
CA HIS B 69 10.40 8.38 -4.91
C HIS B 69 10.72 6.92 -5.18
N PRO B 70 10.35 6.52 -6.39
CA PRO B 70 10.52 5.15 -6.83
C PRO B 70 11.84 4.48 -6.52
N LEU B 71 11.77 3.22 -6.06
CA LEU B 71 12.97 2.45 -5.80
C LEU B 71 12.87 1.24 -6.73
N ILE B 72 13.93 0.90 -7.45
CA ILE B 72 13.92 -0.25 -8.32
C ILE B 72 15.08 -1.19 -7.93
N ILE B 73 14.78 -2.47 -7.77
CA ILE B 73 15.85 -3.42 -7.45
C ILE B 73 15.84 -4.46 -8.59
N GLY B 74 16.96 -4.62 -9.27
CA GLY B 74 17.14 -5.53 -10.39
C GLY B 74 16.82 -6.98 -10.06
N GLU B 75 17.11 -7.84 -11.02
CA GLU B 75 16.80 -9.26 -10.85
C GLU B 75 17.76 -10.02 -9.99
N ASN B 76 17.25 -11.11 -9.41
CA ASN B 76 18.02 -12.07 -8.62
C ASN B 76 18.85 -11.42 -7.51
N ALA B 77 18.28 -10.44 -6.81
CA ALA B 77 19.06 -9.83 -5.72
C ALA B 77 19.16 -10.85 -4.55
N LEU B 78 20.16 -10.67 -3.69
CA LEU B 78 20.28 -11.54 -2.54
C LEU B 78 20.55 -10.47 -1.47
N ILE B 79 19.48 -9.90 -0.93
CA ILE B 79 19.55 -8.85 0.09
C ILE B 79 19.39 -9.51 1.44
N ARG B 80 20.41 -9.44 2.29
CA ARG B 80 20.29 -10.10 3.58
C ARG B 80 19.49 -9.32 4.61
N THR B 81 19.47 -9.80 5.85
CA THR B 81 18.60 -9.13 6.82
C THR B 81 18.74 -7.64 7.18
N GLU B 82 17.61 -7.03 7.50
CA GLU B 82 17.47 -5.63 7.95
C GLU B 82 18.16 -4.59 7.13
N ASN B 83 18.11 -4.71 5.80
CA ASN B 83 18.75 -3.69 4.98
C ASN B 83 17.68 -2.60 4.87
N VAL B 84 18.10 -1.34 4.83
CA VAL B 84 17.25 -0.19 4.68
C VAL B 84 17.67 0.45 3.35
N ILE B 85 16.76 0.56 2.41
CA ILE B 85 17.13 1.13 1.11
C ILE B 85 16.13 2.26 0.77
N TYR B 86 16.63 3.47 0.48
CA TYR B 86 15.85 4.66 0.15
C TYR B 86 15.26 4.63 -1.24
N GLY B 87 14.31 5.55 -1.47
CA GLY B 87 13.60 5.77 -2.73
C GLY B 87 14.57 6.59 -3.62
N ASP B 88 14.17 6.79 -4.88
CA ASP B 88 14.97 7.49 -5.87
C ASP B 88 16.32 6.82 -6.06
N THR B 89 16.31 5.50 -5.96
CA THR B 89 17.53 4.72 -6.12
C THR B 89 17.25 3.53 -7.06
N ILE B 90 18.26 3.17 -7.85
CA ILE B 90 18.20 2.05 -8.79
C ILE B 90 19.36 1.08 -8.48
N ILE B 91 19.05 -0.20 -8.33
CA ILE B 91 20.11 -1.15 -8.08
C ILE B 91 19.96 -2.18 -9.21
N GLY B 92 21.07 -2.57 -9.82
CA GLY B 92 21.05 -3.48 -10.95
C GLY B 92 20.85 -4.93 -10.58
N ASP B 93 21.20 -5.80 -11.52
CA ASP B 93 21.03 -7.22 -11.34
C ASP B 93 22.03 -7.96 -10.48
N ASN B 94 21.57 -9.10 -9.97
CA ASN B 94 22.44 -9.91 -9.13
C ASN B 94 23.12 -9.12 -7.97
N PHE B 95 22.38 -8.28 -7.28
CA PHE B 95 22.96 -7.53 -6.15
C PHE B 95 23.03 -8.41 -4.91
N GLN B 96 24.05 -8.24 -4.07
CA GLN B 96 24.12 -9.04 -2.87
C GLN B 96 24.49 -8.18 -1.67
N THR B 97 23.92 -8.45 -0.52
CA THR B 97 24.34 -7.63 0.63
C THR B 97 24.51 -8.49 1.88
N GLY B 98 25.21 -7.93 2.84
CA GLY B 98 25.37 -8.59 4.13
C GLY B 98 24.23 -7.97 4.97
N HIS B 99 24.33 -8.07 6.28
CA HIS B 99 23.27 -7.61 7.10
C HIS B 99 23.33 -6.19 7.51
N LYS B 100 22.15 -5.66 7.78
CA LYS B 100 22.09 -4.31 8.33
C LYS B 100 22.83 -3.23 7.53
N VAL B 101 22.72 -3.31 6.20
CA VAL B 101 23.34 -2.34 5.31
C VAL B 101 22.34 -1.18 5.11
N THR B 102 22.82 0.02 4.82
CA THR B 102 21.91 1.14 4.63
C THR B 102 22.28 1.76 3.29
N ILE B 103 21.27 2.10 2.51
CA ILE B 103 21.53 2.71 1.19
C ILE B 103 20.55 3.86 0.95
N ARG B 104 21.10 5.06 0.82
CA ARG B 104 20.38 6.32 0.61
C ARG B 104 19.83 6.55 -0.79
N GLU B 105 19.15 7.68 -0.96
CA GLU B 105 18.47 8.07 -2.19
C GLU B 105 19.37 8.70 -3.25
N ASN B 106 18.83 8.74 -4.46
CA ASN B 106 19.51 9.30 -5.61
C ASN B 106 20.86 8.67 -5.76
N THR B 107 20.92 7.34 -5.68
CA THR B 107 22.15 6.57 -5.78
C THR B 107 21.99 5.53 -6.85
N LYS B 108 23.06 5.29 -7.59
CA LYS B 108 22.99 4.32 -8.67
CA LYS B 108 22.95 4.29 -8.65
C LYS B 108 24.00 3.23 -8.39
N ILE B 109 23.55 1.97 -8.43
CA ILE B 109 24.42 0.82 -8.16
C ILE B 109 24.23 -0.16 -9.30
N GLY B 110 25.32 -0.63 -9.89
CA GLY B 110 25.24 -1.53 -11.06
C GLY B 110 24.89 -2.98 -10.80
N ASN B 111 25.33 -3.83 -11.72
CA ASN B 111 25.12 -5.25 -11.63
C ASN B 111 26.28 -5.99 -10.98
N ASN B 112 25.96 -7.14 -10.40
CA ASN B 112 26.98 -8.02 -9.74
C ASN B 112 27.81 -7.29 -8.72
N VAL B 113 27.06 -6.48 -7.96
CA VAL B 113 27.68 -5.69 -6.93
C VAL B 113 27.41 -6.34 -5.58
N LYS B 114 28.41 -6.29 -4.69
CA LYS B 114 28.21 -6.86 -3.36
C LYS B 114 28.49 -5.80 -2.30
N ILE B 115 27.60 -5.64 -1.32
CA ILE B 115 27.84 -4.64 -0.29
C ILE B 115 27.69 -5.31 1.07
N GLY B 116 28.82 -5.45 1.76
CA GLY B 116 28.97 -6.08 3.07
C GLY B 116 28.22 -5.50 4.28
N THR B 117 28.15 -6.33 5.31
CA THR B 117 27.45 -6.04 6.56
C THR B 117 27.74 -4.68 7.16
N LEU B 118 26.69 -3.96 7.54
CA LEU B 118 26.85 -2.62 8.12
C LEU B 118 27.32 -1.51 7.16
N SER B 119 27.69 -1.82 5.93
CA SER B 119 28.10 -0.74 5.04
C SER B 119 27.03 0.32 4.93
N ASP B 120 27.50 1.56 4.76
CA ASP B 120 26.69 2.76 4.69
C ASP B 120 26.96 3.48 3.39
N ILE B 121 26.00 3.46 2.46
CA ILE B 121 26.16 4.14 1.16
C ILE B 121 25.26 5.39 1.25
N GLN B 122 25.90 6.55 1.12
CA GLN B 122 25.17 7.82 1.18
C GLN B 122 24.37 8.15 -0.08
N HIS B 123 23.77 9.33 -0.22
CA HIS B 123 22.96 9.62 -1.40
C HIS B 123 23.85 10.19 -2.48
N HIS B 124 23.31 10.30 -3.68
CA HIS B 124 24.15 10.86 -4.75
C HIS B 124 25.46 10.09 -4.99
N VAL B 125 25.37 8.78 -4.86
CA VAL B 125 26.55 7.94 -5.07
C VAL B 125 26.42 7.09 -6.33
N TYR B 126 27.54 6.92 -7.03
CA TYR B 126 27.53 6.11 -8.23
C TYR B 126 28.41 4.88 -7.97
N ILE B 127 27.82 3.70 -8.15
CA ILE B 127 28.54 2.44 -8.00
C ILE B 127 28.44 1.59 -9.28
N GLY B 128 29.58 1.26 -9.87
CA GLY B 128 29.63 0.51 -11.10
C GLY B 128 29.25 -0.96 -11.00
N ASN B 129 29.71 -1.82 -11.89
CA ASN B 129 29.37 -3.24 -11.87
C ASN B 129 30.51 -4.05 -11.31
N TYR B 130 30.15 -5.23 -10.81
CA TYR B 130 31.21 -6.10 -10.23
C TYR B 130 32.04 -5.36 -9.20
N VAL B 131 31.35 -4.59 -8.36
CA VAL B 131 32.12 -3.88 -7.38
C VAL B 131 32.02 -4.64 -6.05
N ASN B 132 33.12 -4.75 -5.30
CA ASN B 132 33.06 -5.42 -3.97
C ASN B 132 33.31 -4.42 -2.82
N ILE B 133 32.32 -4.28 -1.93
CA ILE B 133 32.43 -3.35 -0.82
C ILE B 133 32.15 -4.28 0.34
N HIS B 134 33.14 -4.42 1.21
CA HIS B 134 33.00 -5.35 2.34
C HIS B 134 32.32 -4.79 3.58
N SER B 135 32.70 -5.33 4.72
CA SER B 135 32.06 -4.86 5.95
C SER B 135 32.36 -3.50 6.43
N ASN B 136 31.27 -2.89 6.86
CA ASN B 136 31.31 -1.60 7.49
C ASN B 136 32.06 -0.50 6.75
N VAL B 137 31.69 -0.38 5.48
CA VAL B 137 32.34 0.62 4.66
C VAL B 137 31.46 1.87 4.60
N PHE B 138 32.07 3.05 4.63
CA PHE B 138 31.27 4.27 4.55
C PHE B 138 31.56 4.95 3.22
N VAL B 139 30.55 5.08 2.36
CA VAL B 139 30.71 5.74 1.04
C VAL B 139 29.95 7.06 1.06
N GLY B 140 30.70 8.16 1.16
CA GLY B 140 30.13 9.52 1.20
C GLY B 140 29.43 9.98 -0.09
N GLU B 141 28.48 10.90 0.07
CA GLU B 141 27.74 11.37 -1.10
C GLU B 141 28.76 11.86 -2.12
N LYS B 142 28.38 11.72 -3.36
CA LYS B 142 29.22 12.13 -4.48
C LYS B 142 30.35 11.17 -4.74
N SER B 143 30.47 10.07 -4.02
CA SER B 143 31.57 9.18 -4.36
C SER B 143 31.29 8.52 -5.73
N ILE B 144 32.30 8.22 -6.52
CA ILE B 144 32.06 7.57 -7.79
C ILE B 144 32.98 6.36 -7.81
N ILE B 145 32.39 5.17 -7.75
CA ILE B 145 33.18 3.95 -7.74
C ILE B 145 32.98 3.16 -9.01
N LYS B 146 34.05 3.05 -9.78
CA LYS B 146 33.92 2.34 -11.04
C LYS B 146 33.93 0.84 -10.93
N ASP B 147 33.78 0.15 -12.06
CA ASP B 147 33.79 -1.31 -12.09
C ASP B 147 35.01 -1.97 -11.47
N PHE B 148 34.78 -3.16 -10.92
CA PHE B 148 35.86 -3.96 -10.37
C PHE B 148 36.61 -3.42 -9.22
N VAL B 149 36.10 -2.36 -8.63
CA VAL B 149 36.78 -1.82 -7.48
C VAL B 149 36.52 -2.66 -6.21
N TRP B 150 37.47 -2.69 -5.27
CA TRP B 150 37.29 -3.41 -3.99
C TRP B 150 37.53 -2.41 -2.86
N LEU B 151 36.57 -2.29 -1.95
CA LEU B 151 36.69 -1.43 -0.77
C LEU B 151 36.57 -2.39 0.40
N PHE B 152 37.70 -2.60 1.06
CA PHE B 152 37.78 -3.49 2.21
C PHE B 152 37.15 -2.94 3.49
N PRO B 153 37.07 -3.76 4.52
CA PRO B 153 36.39 -3.35 5.73
C PRO B 153 36.83 -2.08 6.36
N HIS B 154 35.85 -1.31 6.81
CA HIS B 154 36.07 -0.03 7.48
C HIS B 154 36.75 1.05 6.69
N VAL B 155 36.55 0.95 5.39
CA VAL B 155 37.12 1.96 4.52
C VAL B 155 36.20 3.18 4.55
N VAL B 156 36.78 4.37 4.38
CA VAL B 156 35.94 5.59 4.40
C VAL B 156 36.36 6.57 3.34
N LEU B 157 35.36 6.97 2.56
CA LEU B 157 35.44 7.92 1.46
C LEU B 157 34.70 9.15 1.89
N THR B 158 35.46 10.24 2.05
CA THR B 158 34.90 11.50 2.49
C THR B 158 34.60 12.46 1.32
N ASN B 159 34.06 13.65 1.62
CA ASN B 159 33.76 14.61 0.55
C ASN B 159 33.72 16.12 0.98
N ASP B 160 33.99 16.41 2.24
CA ASP B 160 33.99 17.79 2.75
C ASP B 160 35.41 18.14 3.06
N PRO B 161 36.05 18.91 2.17
CA PRO B 161 37.44 19.29 2.33
C PRO B 161 37.91 20.12 3.52
N THR B 162 37.04 20.98 4.03
CA THR B 162 37.37 21.86 5.16
C THR B 162 36.02 21.96 5.84
N PRO B 163 35.68 20.85 6.52
CA PRO B 163 34.43 20.68 7.20
C PRO B 163 34.26 21.62 8.41
N PRO B 164 33.06 22.16 8.63
CA PRO B 164 31.90 21.96 7.75
C PRO B 164 31.91 23.06 6.67
N SER B 165 31.55 22.71 5.44
CA SER B 165 31.51 23.66 4.32
C SER B 165 30.45 23.34 3.29
N ASN B 166 30.22 24.31 2.40
CA ASN B 166 29.18 24.18 1.39
C ASN B 166 29.55 23.57 0.06
N GLU B 167 30.84 23.44 -0.20
CA GLU B 167 31.24 22.86 -1.49
C GLU B 167 31.98 21.53 -1.31
N LEU B 168 31.24 20.43 -1.50
CA LEU B 168 31.77 19.07 -1.38
C LEU B 168 32.41 18.52 -2.64
N LEU B 169 33.39 17.66 -2.49
CA LEU B 169 34.06 17.10 -3.66
C LEU B 169 34.10 15.61 -3.40
N GLY B 170 33.40 14.82 -4.19
CA GLY B 170 33.48 13.38 -3.93
C GLY B 170 34.78 12.79 -4.42
N VAL B 171 35.06 11.59 -3.93
CA VAL B 171 36.26 10.88 -4.32
C VAL B 171 35.96 10.01 -5.54
N THR B 172 36.87 9.86 -6.49
CA THR B 172 36.67 8.99 -7.65
C THR B 172 37.69 7.82 -7.67
N ILE B 173 37.16 6.60 -7.74
CA ILE B 173 38.01 5.42 -7.75
C ILE B 173 37.85 4.70 -9.07
N GLU B 174 38.93 4.70 -9.85
CA GLU B 174 38.89 4.07 -11.17
C GLU B 174 38.94 2.56 -11.28
N LEU B 175 38.72 2.07 -12.50
CA LEU B 175 38.70 0.65 -12.79
C LEU B 175 39.68 -0.19 -11.99
N PHE B 176 39.17 -1.25 -11.39
CA PHE B 176 40.00 -2.20 -10.67
C PHE B 176 40.75 -1.82 -9.44
N ALA B 177 40.80 -0.54 -9.08
CA ALA B 177 41.58 -0.12 -7.91
C ALA B 177 41.16 -0.84 -6.64
N VAL B 178 42.11 -1.06 -5.74
CA VAL B 178 41.74 -1.75 -4.52
C VAL B 178 42.04 -0.88 -3.30
N ILE B 179 41.07 -0.76 -2.39
CA ILE B 179 41.37 0.04 -1.22
C ILE B 179 41.39 -0.92 -0.03
N ALA B 180 42.53 -1.07 0.63
CA ALA B 180 42.59 -2.00 1.76
C ALA B 180 41.95 -1.54 3.05
N ALA B 181 41.89 -2.48 3.97
CA ALA B 181 41.23 -2.18 5.23
C ALA B 181 41.54 -0.92 6.01
N ARG B 182 40.49 -0.40 6.62
CA ARG B 182 40.56 0.74 7.50
C ARG B 182 41.23 1.95 6.91
N SER B 183 41.16 2.12 5.60
CA SER B 183 41.77 3.30 5.00
C SER B 183 40.76 4.45 4.89
N VAL B 184 41.20 5.71 4.83
CA VAL B 184 40.24 6.80 4.65
C VAL B 184 40.82 7.60 3.47
N VAL B 185 39.91 8.09 2.64
CA VAL B 185 40.32 8.85 1.45
C VAL B 185 39.70 10.24 1.55
N LEU B 186 40.56 11.25 1.45
CA LEU B 186 40.16 12.64 1.55
C LEU B 186 39.36 13.08 0.33
N PRO B 187 38.63 14.16 0.54
CA PRO B 187 37.73 14.71 -0.48
C PRO B 187 38.41 15.01 -1.80
N GLY B 188 37.69 14.73 -2.87
CA GLY B 188 38.14 14.99 -4.24
C GLY B 188 39.32 14.23 -4.78
N ILE B 189 39.77 13.24 -4.02
CA ILE B 189 40.91 12.46 -4.48
C ILE B 189 40.50 11.46 -5.54
N HIS B 190 41.43 11.20 -6.45
CA HIS B 190 41.23 10.24 -7.52
C HIS B 190 42.26 9.18 -7.31
N ILE B 191 41.76 7.93 -7.26
CA ILE B 191 42.60 6.77 -7.08
C ILE B 191 42.48 6.21 -8.49
N ASN B 192 43.62 6.15 -9.18
CA ASN B 192 43.63 5.72 -10.57
C ASN B 192 43.57 4.23 -10.80
N GLU B 193 43.41 3.85 -12.06
CA GLU B 193 43.30 2.45 -12.42
C GLU B 193 44.34 1.47 -11.86
N ASP B 194 43.83 0.33 -11.37
CA ASP B 194 44.71 -0.71 -10.81
C ASP B 194 45.61 -0.24 -9.69
N ALA B 195 45.19 0.81 -8.97
CA ALA B 195 46.00 1.30 -7.86
C ALA B 195 45.74 0.40 -6.63
N LEU B 196 46.64 0.47 -5.66
CA LEU B 196 46.46 -0.30 -4.42
C LEU B 196 46.65 0.62 -3.19
N VAL B 197 45.63 0.77 -2.35
CA VAL B 197 45.83 1.62 -1.18
C VAL B 197 46.00 0.61 -0.10
N GLY B 198 47.14 0.64 0.57
CA GLY B 198 47.47 -0.29 1.64
C GLY B 198 46.68 -0.06 2.91
N ALA B 199 46.52 -1.12 3.66
CA ALA B 199 45.70 -1.10 4.86
C ALA B 199 46.00 0.08 5.76
N GLY B 200 44.95 0.74 6.26
CA GLY B 200 45.03 1.83 7.23
C GLY B 200 45.51 3.19 6.75
N ALA B 201 45.79 3.32 5.46
CA ALA B 201 46.33 4.57 4.93
C ALA B 201 45.37 5.76 5.04
N VAL B 202 45.93 6.96 4.97
CA VAL B 202 45.16 8.20 5.00
C VAL B 202 45.60 8.79 3.67
N VAL B 203 44.73 8.71 2.67
CA VAL B 203 45.06 9.18 1.31
C VAL B 203 44.76 10.61 1.10
N THR B 204 45.85 11.36 1.02
CA THR B 204 45.77 12.83 0.88
C THR B 204 46.02 13.44 -0.49
N LYS B 205 46.37 12.64 -1.51
CA LYS B 205 46.60 13.17 -2.88
C LYS B 205 46.23 12.02 -3.80
N ASP B 206 45.95 12.28 -5.08
CA ASP B 206 45.57 11.30 -6.11
C ASP B 206 46.55 10.15 -6.18
N VAL B 207 46.07 8.99 -6.56
CA VAL B 207 46.99 7.88 -6.62
C VAL B 207 47.08 7.57 -8.08
N PRO B 208 48.31 7.50 -8.56
CA PRO B 208 48.63 7.21 -9.95
C PRO B 208 48.30 5.74 -10.31
N LYS B 209 48.02 5.49 -11.59
CA LYS B 209 47.68 4.16 -12.12
C LYS B 209 48.70 3.17 -11.60
N GLU B 210 48.28 1.91 -11.41
CA GLU B 210 49.19 0.86 -10.97
C GLU B 210 50.19 1.21 -9.89
N THR B 211 49.75 2.01 -8.91
CA THR B 211 50.70 2.34 -7.86
C THR B 211 50.28 1.95 -6.46
N VAL B 212 51.26 1.68 -5.59
CA VAL B 212 50.96 1.34 -4.22
C VAL B 212 51.31 2.50 -3.26
N VAL B 213 50.40 2.77 -2.35
CA VAL B 213 50.65 3.84 -1.39
C VAL B 213 50.26 3.26 -0.02
N VAL B 214 51.04 3.60 1.00
CA VAL B 214 50.78 3.13 2.38
C VAL B 214 51.07 4.28 3.32
N GLY B 215 50.59 4.23 4.56
CA GLY B 215 50.86 5.33 5.46
C GLY B 215 49.89 6.51 5.67
N ASN B 216 50.22 7.33 6.65
CA ASN B 216 49.44 8.51 7.03
C ASN B 216 50.47 9.65 7.20
N PRO B 217 50.62 10.53 6.20
CA PRO B 217 49.85 10.47 4.98
C PRO B 217 50.38 9.35 4.09
N ALA B 218 49.54 8.85 3.20
CA ALA B 218 49.90 7.76 2.30
C ALA B 218 51.03 8.27 1.34
N ARG B 219 52.04 7.42 1.10
CA ARG B 219 53.24 7.67 0.28
C ARG B 219 53.29 6.64 -0.83
N GLU B 220 53.82 6.98 -1.97
CA GLU B 220 53.89 6.00 -3.04
C GLU B 220 55.03 5.06 -2.69
N ILE B 221 54.80 3.76 -2.79
CA ILE B 221 55.88 2.88 -2.44
C ILE B 221 56.53 2.13 -3.60
N CYS B 222 55.73 1.71 -4.58
CA CYS B 222 56.30 1.00 -5.72
C CYS B 222 55.13 0.73 -6.63
N SER B 223 55.34 0.06 -7.75
CA SER B 223 54.24 -0.23 -8.66
C SER B 223 53.65 -1.50 -8.07
N ILE B 224 52.35 -1.69 -8.29
CA ILE B 224 51.68 -2.88 -7.77
C ILE B 224 52.32 -4.17 -8.33
N ARG B 225 52.98 -4.06 -9.49
CA ARG B 225 53.61 -5.22 -10.15
C ARG B 225 54.75 -5.84 -9.36
N LYS B 226 55.23 -5.07 -8.40
CA LYS B 226 56.31 -5.44 -7.50
C LYS B 226 55.79 -6.23 -6.35
N ILE B 227 54.48 -6.43 -6.26
CA ILE B 227 53.93 -7.15 -5.12
C ILE B 227 53.78 -8.63 -5.48
N LYS B 228 54.41 -9.46 -4.65
CA LYS B 228 54.43 -10.91 -4.81
C LYS B 228 53.53 -11.71 -3.85
N ASN B 229 52.96 -12.80 -4.32
CA ASN B 229 52.10 -13.55 -3.43
C ASN B 229 52.76 -14.12 -2.20
N LYS B 230 52.37 -13.58 -1.06
CA LYS B 230 52.90 -14.02 0.23
C LYS B 230 52.97 -15.54 0.38
N ILE B 231 52.11 -16.27 -0.32
CA ILE B 231 52.13 -17.71 -0.20
C ILE B 231 52.89 -18.40 -1.35
N THR B 232 52.75 -17.88 -2.57
CA THR B 232 53.41 -18.44 -3.74
C THR B 232 54.64 -17.65 -4.25
N GLY B 233 54.74 -16.37 -3.95
CA GLY B 233 55.85 -15.55 -4.40
C GLY B 233 55.65 -15.12 -5.84
N GLU B 234 54.49 -15.46 -6.38
CA GLU B 234 54.21 -15.09 -7.75
C GLU B 234 53.68 -13.67 -7.78
N GLN B 235 53.61 -13.07 -8.97
CA GLN B 235 53.14 -11.71 -9.18
C GLN B 235 51.63 -11.57 -9.02
N VAL B 236 51.20 -10.67 -8.16
CA VAL B 236 49.79 -10.58 -7.91
C VAL B 236 48.97 -9.71 -8.80
N TYR B 237 49.47 -8.49 -9.01
CA TYR B 237 48.75 -7.51 -9.80
C TYR B 237 49.30 -7.36 -11.22
N PRO B 238 48.47 -6.97 -12.18
CA PRO B 238 47.05 -6.68 -11.96
C PRO B 238 46.25 -7.92 -11.55
N TRP B 239 45.54 -7.74 -10.45
CA TRP B 239 44.79 -8.83 -9.90
C TRP B 239 43.85 -9.54 -10.88
N ARG B 240 43.44 -8.87 -11.96
CA ARG B 240 42.51 -9.56 -12.87
C ARG B 240 43.04 -10.85 -13.45
N TYR B 241 44.34 -10.96 -13.42
CA TYR B 241 45.07 -12.09 -13.94
C TYR B 241 45.35 -13.15 -12.88
N THR B 242 45.14 -12.80 -11.60
CA THR B 242 45.43 -13.78 -10.54
C THR B 242 44.18 -14.11 -9.75
N PHE B 243 43.08 -13.44 -10.02
CA PHE B 243 41.87 -13.68 -9.24
C PHE B 243 40.67 -13.61 -10.15
N LYS B 244 39.84 -14.65 -10.07
CA LYS B 244 38.63 -14.61 -10.89
C LYS B 244 37.35 -15.06 -10.14
N ARG B 245 37.44 -15.45 -8.88
CA ARG B 245 36.21 -15.89 -8.27
C ARG B 245 35.13 -14.81 -8.30
N GLY B 246 33.95 -15.13 -8.82
CA GLY B 246 32.83 -14.18 -8.90
C GLY B 246 33.04 -13.13 -9.99
N MET B 247 34.08 -13.30 -10.80
CA MET B 247 34.36 -12.32 -11.85
C MET B 247 33.75 -12.76 -13.15
N PRO B 248 33.44 -11.79 -14.02
CA PRO B 248 32.83 -12.16 -15.28
C PRO B 248 33.73 -13.11 -16.11
N TRP B 249 35.02 -13.20 -15.81
CA TRP B 249 35.86 -14.10 -16.61
C TRP B 249 36.15 -15.41 -15.93
N GLU B 250 35.41 -15.67 -14.87
CA GLU B 250 35.62 -16.88 -14.09
C GLU B 250 35.76 -18.22 -14.82
N GLU B 251 35.01 -18.42 -15.90
CA GLU B 251 35.11 -19.72 -16.57
C GLU B 251 36.28 -19.80 -17.52
N THR B 252 36.96 -18.67 -17.66
CA THR B 252 38.14 -18.69 -18.50
C THR B 252 39.30 -18.01 -17.81
N ASP B 253 39.69 -16.85 -18.33
CA ASP B 253 40.78 -16.02 -17.83
C ASP B 253 40.41 -14.67 -18.44
N TYR B 254 40.92 -13.62 -17.81
CA TYR B 254 40.64 -12.27 -18.23
C TYR B 254 40.89 -11.95 -19.71
N ASP B 255 42.10 -12.20 -20.19
CA ASP B 255 42.35 -11.85 -21.59
C ASP B 255 41.29 -12.40 -22.54
N THR B 256 41.05 -13.70 -22.44
CA THR B 256 40.05 -14.35 -23.25
C THR B 256 38.70 -13.66 -23.13
N TRP B 257 38.21 -13.59 -21.90
CA TRP B 257 36.93 -12.98 -21.62
C TRP B 257 36.80 -11.62 -22.32
N ILE B 258 37.69 -10.71 -22.02
CA ILE B 258 37.56 -9.38 -22.60
C ILE B 258 37.62 -9.32 -24.15
N LYS B 259 38.57 -10.02 -24.72
CA LYS B 259 38.72 -10.14 -26.13
C LYS B 259 37.47 -10.75 -26.73
N ASN B 260 36.98 -11.80 -26.19
CA ASN B 260 35.65 -12.07 -26.59
C ASN B 260 34.43 -11.33 -26.14
#